data_3VXG
#
_entry.id   3VXG
#
_cell.length_a   55.020
_cell.length_b   68.300
_cell.length_c   68.930
_cell.angle_alpha   90.00
_cell.angle_beta   90.00
_cell.angle_gamma   90.00
#
_symmetry.space_group_name_H-M   'P 21 21 21'
#
loop_
_entity.id
_entity.type
_entity.pdbx_description
1 polymer 'Conjugated polyketone reductase C2'
2 water water
#
_entity_poly.entity_id   1
_entity_poly.type   'polypeptide(L)'
_entity_poly.pdbx_seq_one_letter_code
;MGSSHHHHHHSSGLVPRGSHMTQSNLLPKTFRTKSGKEISIALGTGTKWKQAQTINDVSTELVDNILLGLKLGFRHIDTA
EAYNTQKEVGEALKRTDVPREDIWVTTKYSPGWGSIKAYSKSPSDSIDKALAQLGVDYVDLFLIHSPFFTTEQTHGYTLE
QAWEALVEAKKAGKVREIGISNAAIPHLEKLFAASPSPEYYPVVNQIEFHPFLQNQSKNIVRFCQEHGILVEAFSPLAPL
ARVETNALAETLKRLAEKYKKTEAQVLLRYTLQRGILPVTTSSKESRLKESLNLFDFELTDEEVNEINKIGDANPYRAFF
HEQFKDL
;
_entity_poly.pdbx_strand_id   A
#
# COMPACT_ATOMS: atom_id res chain seq x y z
N SER A 24 4.54 17.26 -4.64
CA SER A 24 4.24 17.49 -6.08
C SER A 24 2.75 17.77 -6.28
N ASN A 25 2.35 17.89 -7.54
CA ASN A 25 0.93 18.00 -7.90
C ASN A 25 0.25 16.63 -7.93
N LEU A 26 1.05 15.56 -8.00
CA LEU A 26 0.53 14.19 -7.85
C LEU A 26 0.12 13.95 -6.40
N LEU A 27 1.04 14.15 -5.48
CA LEU A 27 0.76 13.76 -4.09
C LEU A 27 1.28 14.82 -3.15
N PRO A 28 0.59 15.03 -2.00
CA PRO A 28 1.12 16.04 -1.06
C PRO A 28 2.47 15.64 -0.48
N LYS A 29 2.76 14.34 -0.46
CA LYS A 29 4.07 13.87 -0.02
C LYS A 29 4.49 12.87 -1.09
N THR A 30 5.63 13.13 -1.73
CA THR A 30 6.05 12.23 -2.78
C THR A 30 7.44 11.64 -2.58
N PHE A 31 7.81 10.72 -3.47
CA PHE A 31 9.05 9.98 -3.37
C PHE A 31 9.57 9.73 -4.75
N ARG A 32 10.85 9.37 -4.81
CA ARG A 32 11.49 9.03 -6.07
C ARG A 32 12.22 7.71 -5.97
N THR A 33 12.28 7.00 -7.09
CA THR A 33 13.08 5.78 -7.19
C THR A 33 14.57 6.16 -7.07
N LYS A 34 15.46 5.17 -7.01
CA LYS A 34 16.91 5.47 -6.97
C LYS A 34 17.39 6.25 -8.19
N SER A 35 16.75 6.02 -9.34
CA SER A 35 17.06 6.76 -10.58
C SER A 35 16.43 8.14 -10.64
N GLY A 36 15.69 8.53 -9.59
CA GLY A 36 15.18 9.89 -9.50
C GLY A 36 13.76 10.10 -10.00
N LYS A 37 13.11 9.01 -10.37
CA LYS A 37 11.78 9.06 -11.00
C LYS A 37 10.66 9.06 -9.97
N GLU A 38 9.70 9.97 -10.13
CA GLU A 38 8.68 10.09 -9.08
C GLU A 38 7.82 8.82 -9.03
N ILE A 39 7.49 8.40 -7.82
CA ILE A 39 6.64 7.23 -7.51
C ILE A 39 5.26 7.38 -8.20
N SER A 40 4.63 6.26 -8.59
CA SER A 40 3.29 6.31 -9.13
C SER A 40 2.42 5.18 -8.51
N ILE A 41 1.29 4.92 -9.16
CA ILE A 41 0.32 3.93 -8.66
C ILE A 41 0.98 2.54 -8.46
N ALA A 42 0.61 1.86 -7.36
CA ALA A 42 1.22 0.58 -7.02
C ALA A 42 0.46 -0.61 -7.58
N LEU A 43 1.22 -1.58 -8.09
CA LEU A 43 0.66 -2.90 -8.35
C LEU A 43 0.88 -3.78 -7.13
N GLY A 44 -0.22 -4.11 -6.43
CA GLY A 44 -0.13 -4.99 -5.26
C GLY A 44 -0.21 -6.42 -5.72
N THR A 45 0.43 -7.32 -4.98
CA THR A 45 0.45 -8.73 -5.36
C THR A 45 -0.81 -9.49 -4.98
N GLY A 46 -1.58 -8.91 -4.05
CA GLY A 46 -2.64 -9.64 -3.36
C GLY A 46 -2.03 -10.57 -2.34
N THR A 47 -2.86 -11.34 -1.65
CA THR A 47 -2.36 -12.40 -0.78
C THR A 47 -2.42 -13.74 -1.51
N LYS A 48 -1.41 -14.58 -1.31
CA LYS A 48 -1.39 -15.92 -1.83
C LYS A 48 -1.50 -16.91 -0.64
N TRP A 49 -2.65 -17.54 -0.50
CA TRP A 49 -2.79 -18.59 0.51
C TRP A 49 -1.87 -19.73 0.12
N LYS A 50 -1.16 -20.29 1.11
CA LYS A 50 -0.38 -21.50 0.91
C LYS A 50 -0.54 -22.47 2.09
N GLN A 51 -0.45 -23.77 1.83
CA GLN A 51 -0.67 -24.76 2.89
C GLN A 51 0.50 -24.85 3.89
N ALA A 52 1.70 -25.06 3.36
CA ALA A 52 2.91 -25.10 4.17
C ALA A 52 3.60 -23.74 4.10
N GLN A 53 3.80 -23.13 5.26
CA GLN A 53 4.41 -21.79 5.32
C GLN A 53 5.91 -21.77 5.02
N THR A 54 6.61 -22.86 5.38
CA THR A 54 8.08 -22.89 5.27
C THR A 54 8.66 -22.75 3.86
N ILE A 55 7.94 -23.20 2.84
CA ILE A 55 8.48 -23.28 1.48
C ILE A 55 7.99 -22.22 0.50
N ASN A 56 8.75 -22.06 -0.59
CA ASN A 56 8.51 -21.00 -1.61
C ASN A 56 7.20 -21.12 -2.36
N ASP A 57 6.96 -22.27 -2.99
CA ASP A 57 5.68 -22.53 -3.63
C ASP A 57 5.33 -21.37 -4.59
N VAL A 58 6.22 -21.10 -5.55
CA VAL A 58 6.19 -19.88 -6.41
C VAL A 58 5.13 -19.91 -7.51
N SER A 59 4.14 -19.03 -7.39
CA SER A 59 3.02 -18.99 -8.33
C SER A 59 3.41 -18.40 -9.70
N THR A 60 3.30 -19.20 -10.77
CA THR A 60 3.56 -18.74 -12.14
C THR A 60 2.61 -17.63 -12.55
N GLU A 61 1.35 -17.79 -12.14
CA GLU A 61 0.30 -16.86 -12.49
C GLU A 61 0.70 -15.48 -11.96
N LEU A 62 1.22 -15.45 -10.74
CA LEU A 62 1.57 -14.20 -10.08
C LEU A 62 2.84 -13.60 -10.70
N VAL A 63 3.85 -14.43 -10.93
CA VAL A 63 5.08 -13.92 -11.55
C VAL A 63 4.76 -13.27 -12.89
N ASP A 64 3.94 -13.96 -13.70
CA ASP A 64 3.55 -13.50 -15.02
C ASP A 64 2.76 -12.19 -14.94
N ASN A 65 1.90 -12.08 -13.93
CA ASN A 65 1.13 -10.85 -13.72
C ASN A 65 2.02 -9.67 -13.39
N ILE A 66 2.99 -9.88 -12.49
CA ILE A 66 3.91 -8.80 -12.13
C ILE A 66 4.80 -8.42 -13.32
N LEU A 67 5.30 -9.42 -14.04
CA LEU A 67 6.09 -9.13 -15.23
C LEU A 67 5.30 -8.32 -16.24
N LEU A 68 4.04 -8.69 -16.43
CA LEU A 68 3.18 -8.01 -17.37
C LEU A 68 2.91 -6.58 -16.92
N GLY A 69 2.62 -6.43 -15.64
CA GLY A 69 2.40 -5.07 -15.09
C GLY A 69 3.60 -4.18 -15.35
N LEU A 70 4.82 -4.72 -15.13
CA LEU A 70 6.04 -3.95 -15.39
C LEU A 70 6.16 -3.61 -16.90
N LYS A 71 5.90 -4.58 -17.75
CA LYS A 71 5.91 -4.36 -19.21
C LYS A 71 4.93 -3.25 -19.63
N LEU A 72 3.75 -3.22 -19.00
CA LEU A 72 2.73 -2.22 -19.32
C LEU A 72 3.01 -0.83 -18.81
N GLY A 73 3.93 -0.74 -17.83
CA GLY A 73 4.38 0.57 -17.33
C GLY A 73 4.29 0.75 -15.82
N PHE A 74 3.87 -0.28 -15.08
CA PHE A 74 3.92 -0.16 -13.62
C PHE A 74 5.38 -0.02 -13.19
N ARG A 75 5.61 0.81 -12.19
CA ARG A 75 6.97 1.02 -11.69
C ARG A 75 7.03 0.97 -10.15
N HIS A 76 5.98 0.41 -9.55
CA HIS A 76 5.82 0.41 -8.09
C HIS A 76 5.13 -0.92 -7.81
N ILE A 77 5.79 -1.77 -7.04
CA ILE A 77 5.21 -3.09 -6.67
C ILE A 77 5.08 -3.10 -5.15
N ASP A 78 3.96 -3.60 -4.66
CA ASP A 78 3.67 -3.63 -3.22
C ASP A 78 3.41 -5.08 -2.79
N THR A 79 4.23 -5.53 -1.85
CA THR A 79 4.11 -6.88 -1.32
C THR A 79 4.17 -6.83 0.21
N ALA A 80 4.21 -8.00 0.85
CA ALA A 80 4.30 -8.07 2.33
C ALA A 80 4.78 -9.44 2.71
N GLU A 81 5.43 -9.52 3.88
CA GLU A 81 5.82 -10.83 4.40
C GLU A 81 4.59 -11.74 4.48
N ALA A 82 3.49 -11.17 4.98
CA ALA A 82 2.26 -11.91 5.18
C ALA A 82 1.54 -12.40 3.89
N TYR A 83 1.80 -11.73 2.76
CA TYR A 83 1.13 -12.07 1.50
C TYR A 83 1.72 -13.32 0.88
N ASN A 84 2.89 -13.74 1.35
CA ASN A 84 3.58 -14.92 0.77
C ASN A 84 3.93 -14.72 -0.72
N THR A 85 4.24 -13.49 -1.13
CA THR A 85 4.48 -13.19 -2.55
C THR A 85 5.83 -12.52 -2.85
N GLN A 86 6.67 -12.36 -1.83
CA GLN A 86 8.01 -11.78 -2.04
C GLN A 86 8.87 -12.54 -3.04
N LYS A 87 8.83 -13.87 -3.00
CA LYS A 87 9.64 -14.64 -3.95
C LYS A 87 9.16 -14.40 -5.38
N GLU A 88 7.84 -14.33 -5.60
CA GLU A 88 7.31 -14.02 -6.94
C GLU A 88 7.77 -12.64 -7.41
N VAL A 89 7.71 -11.65 -6.53
CA VAL A 89 8.20 -10.32 -6.89
C VAL A 89 9.69 -10.44 -7.29
N GLY A 90 10.46 -11.19 -6.50
CA GLY A 90 11.90 -11.37 -6.77
C GLY A 90 12.13 -11.94 -8.18
N GLU A 91 11.37 -12.96 -8.54
CA GLU A 91 11.47 -13.57 -9.87
C GLU A 91 11.18 -12.55 -10.96
N ALA A 92 10.17 -11.71 -10.74
CA ALA A 92 9.78 -10.72 -11.76
C ALA A 92 10.87 -9.67 -11.90
N LEU A 93 11.47 -9.28 -10.77
CA LEU A 93 12.52 -8.26 -10.77
C LEU A 93 13.75 -8.78 -11.52
N LYS A 94 13.97 -10.10 -11.45
CA LYS A 94 15.11 -10.73 -12.14
C LYS A 94 14.86 -10.73 -13.63
N ARG A 95 13.63 -11.06 -14.03
CA ARG A 95 13.33 -11.35 -15.44
C ARG A 95 12.93 -10.12 -16.26
N THR A 96 12.41 -9.09 -15.59
CA THR A 96 12.04 -7.89 -16.29
C THR A 96 13.26 -7.21 -16.95
N ASP A 97 13.00 -6.48 -18.05
CA ASP A 97 14.03 -5.60 -18.62
C ASP A 97 14.08 -4.22 -17.97
N VAL A 98 13.12 -3.93 -17.09
CA VAL A 98 13.08 -2.64 -16.39
C VAL A 98 14.17 -2.61 -15.33
N PRO A 99 15.05 -1.58 -15.36
CA PRO A 99 16.15 -1.57 -14.38
C PRO A 99 15.60 -1.44 -12.95
N ARG A 100 16.27 -2.14 -12.02
CA ARG A 100 15.97 -2.05 -10.56
C ARG A 100 15.73 -0.63 -10.09
N GLU A 101 16.60 0.28 -10.52
CA GLU A 101 16.56 1.64 -10.00
C GLU A 101 15.36 2.47 -10.50
N ASP A 102 14.61 1.95 -11.48
CA ASP A 102 13.44 2.63 -11.99
C ASP A 102 12.17 2.10 -11.29
N ILE A 103 12.33 1.14 -10.41
CA ILE A 103 11.21 0.44 -9.77
C ILE A 103 11.22 0.77 -8.29
N TRP A 104 10.02 1.06 -7.75
CA TRP A 104 9.85 1.25 -6.31
C TRP A 104 9.27 -0.04 -5.71
N VAL A 105 9.99 -0.67 -4.80
CA VAL A 105 9.51 -1.92 -4.18
C VAL A 105 9.14 -1.63 -2.73
N THR A 106 7.87 -1.88 -2.40
CA THR A 106 7.41 -1.78 -1.01
C THR A 106 7.18 -3.16 -0.41
N THR A 107 7.72 -3.39 0.80
CA THR A 107 7.30 -4.59 1.52
C THR A 107 7.03 -4.28 3.00
N LYS A 108 6.69 -5.30 3.79
CA LYS A 108 6.12 -5.08 5.12
C LYS A 108 6.50 -6.22 6.05
N TYR A 109 6.80 -5.83 7.27
CA TYR A 109 7.06 -6.71 8.41
C TYR A 109 5.72 -7.10 8.97
N SER A 110 5.49 -8.41 8.98
CA SER A 110 4.34 -9.03 9.58
C SER A 110 4.67 -9.33 11.05
N PRO A 111 3.97 -8.66 11.96
CA PRO A 111 4.22 -8.86 13.39
C PRO A 111 3.36 -9.97 14.01
N GLY A 112 2.44 -10.52 13.23
CA GLY A 112 1.47 -11.52 13.75
C GLY A 112 0.20 -11.59 12.92
N ALA A 118 4.50 -13.74 14.63
CA ALA A 118 5.36 -13.35 13.51
C ALA A 118 6.22 -14.50 13.00
N TYR A 119 6.27 -14.65 11.67
CA TYR A 119 7.10 -15.70 11.04
C TYR A 119 8.61 -15.45 11.18
N SER A 120 9.01 -14.18 11.20
CA SER A 120 10.40 -13.84 11.50
C SER A 120 10.63 -13.61 12.99
N LYS A 121 11.85 -13.90 13.43
CA LYS A 121 12.27 -13.71 14.83
C LYS A 121 12.43 -12.26 15.27
N SER A 122 12.52 -11.36 14.31
CA SER A 122 12.70 -9.94 14.60
C SER A 122 12.41 -9.15 13.33
N PRO A 123 12.18 -7.84 13.46
CA PRO A 123 12.16 -6.96 12.29
C PRO A 123 13.42 -7.05 11.43
N SER A 124 14.59 -7.20 12.05
CA SER A 124 15.80 -7.29 11.22
C SER A 124 15.88 -8.57 10.41
N ASP A 125 15.48 -9.68 11.03
CA ASP A 125 15.33 -10.96 10.31
C ASP A 125 14.28 -10.89 9.20
N SER A 126 13.13 -10.26 9.46
CA SER A 126 12.16 -10.00 8.39
C SER A 126 12.78 -9.21 7.21
N ILE A 127 13.54 -8.16 7.49
CA ILE A 127 14.20 -7.36 6.44
C ILE A 127 15.20 -8.18 5.64
N ASP A 128 16.02 -8.96 6.34
CA ASP A 128 16.98 -9.81 5.64
C ASP A 128 16.31 -10.86 4.75
N LYS A 129 15.24 -11.47 5.27
CA LYS A 129 14.42 -12.42 4.51
C LYS A 129 13.81 -11.72 3.28
N ALA A 130 13.35 -10.48 3.47
CA ALA A 130 12.80 -9.72 2.37
C ALA A 130 13.85 -9.51 1.25
N LEU A 131 15.04 -9.01 1.65
CA LEU A 131 16.16 -8.85 0.73
C LEU A 131 16.47 -10.17 0.01
N ALA A 132 16.44 -11.27 0.76
CA ALA A 132 16.73 -12.58 0.20
C ALA A 132 15.69 -13.04 -0.81
N GLN A 133 14.43 -13.04 -0.42
CA GLN A 133 13.37 -13.52 -1.31
C GLN A 133 13.17 -12.61 -2.52
N LEU A 134 13.33 -11.30 -2.30
CA LEU A 134 13.18 -10.31 -3.37
C LEU A 134 14.39 -10.27 -4.31
N GLY A 135 15.52 -10.78 -3.85
CA GLY A 135 16.77 -10.78 -4.65
C GLY A 135 17.33 -9.38 -4.86
N VAL A 136 17.15 -8.52 -3.87
CA VAL A 136 17.56 -7.11 -3.93
C VAL A 136 18.53 -6.76 -2.79
N ASP A 137 19.29 -5.69 -2.94
CA ASP A 137 20.15 -5.23 -1.86
C ASP A 137 19.51 -4.10 -1.06
N TYR A 138 18.37 -3.58 -1.56
CA TYR A 138 17.61 -2.58 -0.82
C TYR A 138 16.13 -2.70 -1.18
N VAL A 139 15.27 -2.33 -0.24
CA VAL A 139 13.86 -2.07 -0.57
C VAL A 139 13.57 -0.58 -0.44
N ASP A 140 12.68 -0.08 -1.27
CA ASP A 140 12.37 1.35 -1.28
C ASP A 140 11.62 1.76 -0.06
N LEU A 141 10.64 0.95 0.34
CA LEU A 141 9.78 1.30 1.47
C LEU A 141 9.52 0.06 2.27
N PHE A 142 9.73 0.16 3.59
CA PHE A 142 9.50 -0.97 4.48
C PHE A 142 8.55 -0.53 5.57
N LEU A 143 7.41 -1.22 5.65
CA LEU A 143 6.33 -0.82 6.56
C LEU A 143 6.15 -1.85 7.66
N ILE A 144 5.83 -1.37 8.87
CA ILE A 144 5.25 -2.26 9.86
C ILE A 144 3.80 -2.51 9.40
N HIS A 145 3.44 -3.78 9.20
CA HIS A 145 2.13 -4.14 8.58
C HIS A 145 0.92 -3.75 9.40
N SER A 146 1.09 -3.72 10.72
CA SER A 146 0.02 -3.38 11.63
C SER A 146 0.58 -3.02 13.02
N PRO A 147 -0.07 -2.09 13.71
CA PRO A 147 0.35 -1.82 15.10
C PRO A 147 -0.28 -2.80 16.11
N PHE A 148 -1.13 -3.70 15.63
CA PHE A 148 -1.95 -4.54 16.51
C PHE A 148 -1.27 -5.89 16.77
N PHE A 149 -0.27 -5.85 17.64
CA PHE A 149 0.51 -7.04 18.01
C PHE A 149 1.02 -6.95 19.46
N THR A 150 1.46 -8.08 20.01
CA THR A 150 2.15 -8.09 21.32
C THR A 150 3.61 -8.43 21.12
N THR A 151 4.43 -8.20 22.14
CA THR A 151 5.85 -8.58 22.05
C THR A 151 6.07 -10.09 22.01
N GLU A 152 5.05 -10.84 22.42
CA GLU A 152 5.07 -12.29 22.27
C GLU A 152 5.10 -12.65 20.79
N GLN A 153 4.20 -12.01 20.03
CA GLN A 153 4.11 -12.19 18.58
C GLN A 153 5.38 -11.77 17.85
N THR A 154 6.02 -10.70 18.32
CA THR A 154 7.21 -10.16 17.63
C THR A 154 8.54 -10.75 18.13
N HIS A 155 8.47 -11.59 19.17
CA HIS A 155 9.67 -12.15 19.83
C HIS A 155 10.51 -11.07 20.54
N GLY A 156 9.80 -10.17 21.23
CA GLY A 156 10.41 -9.18 22.11
C GLY A 156 10.45 -7.72 21.68
N TYR A 157 9.51 -7.32 20.80
CA TYR A 157 9.51 -5.96 20.24
C TYR A 157 8.15 -5.28 20.39
N THR A 158 8.14 -4.16 21.12
CA THR A 158 7.02 -3.23 21.12
C THR A 158 7.02 -2.50 19.76
N LEU A 159 5.96 -1.76 19.47
CA LEU A 159 5.93 -0.86 18.32
C LEU A 159 7.15 0.05 18.27
N GLU A 160 7.46 0.68 19.40
CA GLU A 160 8.62 1.57 19.49
C GLU A 160 9.94 0.85 19.18
N GLN A 161 10.11 -0.34 19.74
CA GLN A 161 11.33 -1.10 19.53
C GLN A 161 11.43 -1.61 18.11
N ALA A 162 10.28 -1.93 17.50
CA ALA A 162 10.31 -2.39 16.12
C ALA A 162 10.67 -1.19 15.24
N TRP A 163 10.17 -0.01 15.59
CA TRP A 163 10.52 1.23 14.86
C TRP A 163 12.04 1.45 14.90
N GLU A 164 12.63 1.26 16.09
CA GLU A 164 14.07 1.44 16.25
C GLU A 164 14.85 0.49 15.35
N ALA A 165 14.32 -0.71 15.13
CA ALA A 165 14.92 -1.69 14.23
C ALA A 165 14.81 -1.23 12.76
N LEU A 166 13.66 -0.65 12.40
CA LEU A 166 13.50 -0.06 11.06
C LEU A 166 14.48 1.10 10.84
N VAL A 167 14.68 1.91 11.88
CA VAL A 167 15.66 3.00 11.85
C VAL A 167 17.05 2.49 11.54
N GLU A 168 17.45 1.39 12.19
CA GLU A 168 18.73 0.73 11.90
C GLU A 168 18.90 0.25 10.45
N ALA A 169 17.83 -0.33 9.91
CA ALA A 169 17.84 -0.83 8.54
C ALA A 169 18.01 0.31 7.53
N LYS A 170 17.43 1.47 7.83
CA LYS A 170 17.49 2.65 6.97
C LYS A 170 18.92 3.20 7.01
N LYS A 171 19.48 3.28 8.22
CA LYS A 171 20.89 3.69 8.39
C LYS A 171 21.87 2.84 7.59
N ALA A 172 21.60 1.54 7.50
CA ALA A 172 22.45 0.59 6.79
C ALA A 172 22.19 0.55 5.28
N GLY A 173 21.19 1.30 4.81
CA GLY A 173 20.86 1.32 3.38
C GLY A 173 20.17 0.08 2.87
N LYS A 174 19.66 -0.75 3.78
CA LYS A 174 18.82 -1.88 3.41
C LYS A 174 17.42 -1.40 3.00
N VAL A 175 16.98 -0.28 3.59
CA VAL A 175 15.66 0.29 3.34
C VAL A 175 15.80 1.77 3.07
N ARG A 176 15.09 2.31 2.07
CA ARG A 176 15.24 3.74 1.79
C ARG A 176 14.30 4.59 2.67
N GLU A 177 13.06 4.17 2.79
CA GLU A 177 12.06 4.92 3.53
C GLU A 177 11.32 3.94 4.42
N ILE A 178 10.85 4.45 5.55
CA ILE A 178 10.18 3.60 6.55
C ILE A 178 8.80 4.15 6.89
N GLY A 179 7.86 3.24 7.16
CA GLY A 179 6.52 3.68 7.51
C GLY A 179 5.71 2.58 8.16
N ILE A 180 4.40 2.70 8.03
CA ILE A 180 3.50 1.78 8.74
C ILE A 180 2.24 1.60 7.92
N SER A 181 1.49 0.58 8.30
CA SER A 181 0.17 0.34 7.73
C SER A 181 -0.85 0.23 8.88
N ASN A 182 -2.06 0.72 8.64
CA ASN A 182 -3.21 0.57 9.56
C ASN A 182 -2.92 1.27 10.89
N ALA A 183 -2.18 2.38 10.80
CA ALA A 183 -1.89 3.21 11.99
C ALA A 183 -2.93 4.29 12.22
N ALA A 184 -3.38 4.43 13.48
CA ALA A 184 -4.18 5.58 13.89
C ALA A 184 -3.26 6.66 14.44
N ILE A 185 -3.82 7.83 14.71
CA ILE A 185 -3.04 8.93 15.25
C ILE A 185 -2.13 8.53 16.44
N PRO A 186 -2.69 7.87 17.48
CA PRO A 186 -1.76 7.56 18.60
C PRO A 186 -0.62 6.60 18.28
N HIS A 187 -0.81 5.75 17.26
CA HIS A 187 0.25 4.86 16.84
C HIS A 187 1.39 5.68 16.20
N LEU A 188 1.01 6.61 15.34
CA LEU A 188 1.96 7.50 14.69
C LEU A 188 2.72 8.31 15.74
N GLU A 189 2.01 8.72 16.78
CA GLU A 189 2.61 9.46 17.89
C GLU A 189 3.76 8.66 18.49
N LYS A 190 3.55 7.36 18.70
CA LYS A 190 4.57 6.48 19.27
C LYS A 190 5.79 6.42 18.38
N LEU A 191 5.55 6.37 17.07
CA LEU A 191 6.66 6.32 16.12
C LEU A 191 7.52 7.59 16.13
N PHE A 192 6.87 8.74 16.09
CA PHE A 192 7.59 10.02 16.21
C PHE A 192 8.49 10.00 17.45
N ALA A 193 7.92 9.55 18.57
CA ALA A 193 8.63 9.53 19.85
C ALA A 193 9.80 8.56 19.86
N ALA A 194 9.67 7.46 19.11
CA ALA A 194 10.72 6.45 18.98
C ALA A 194 11.81 6.81 17.96
N SER A 195 11.60 7.91 17.24
CA SER A 195 12.53 8.32 16.19
C SER A 195 13.61 9.18 16.82
N PRO A 196 14.89 8.90 16.52
CA PRO A 196 15.99 9.70 17.11
C PRO A 196 15.95 11.15 16.61
N SER A 197 15.60 11.32 15.34
CA SER A 197 15.43 12.64 14.74
C SER A 197 14.25 12.60 13.75
N PRO A 198 13.78 13.77 13.31
CA PRO A 198 12.81 13.89 12.21
C PRO A 198 13.16 13.16 10.91
N GLU A 199 14.44 12.95 10.61
CA GLU A 199 14.85 12.18 9.44
C GLU A 199 14.27 10.77 9.45
N TYR A 200 13.89 10.30 10.65
CA TYR A 200 13.46 8.91 10.82
C TYR A 200 11.99 8.77 11.18
N TYR A 201 11.24 9.87 11.03
CA TYR A 201 9.79 9.83 11.20
C TYR A 201 9.18 8.91 10.17
N PRO A 202 8.01 8.33 10.50
CA PRO A 202 7.29 7.55 9.49
C PRO A 202 6.91 8.50 8.37
N VAL A 203 6.99 8.03 7.13
CA VAL A 203 6.63 8.89 6.00
C VAL A 203 5.50 8.32 5.12
N VAL A 204 5.06 7.10 5.44
CA VAL A 204 3.91 6.50 4.78
C VAL A 204 3.00 5.86 5.82
N ASN A 205 1.70 5.95 5.61
CA ASN A 205 0.69 5.17 6.33
C ASN A 205 -0.27 4.57 5.32
N GLN A 206 -0.15 3.25 5.13
CA GLN A 206 -1.02 2.56 4.18
C GLN A 206 -2.24 2.07 4.91
N ILE A 207 -3.40 2.58 4.53
CA ILE A 207 -4.65 2.28 5.27
C ILE A 207 -5.73 1.77 4.35
N GLU A 208 -6.74 1.14 4.94
CA GLU A 208 -7.91 0.81 4.14
C GLU A 208 -8.57 2.17 3.83
N PHE A 209 -8.77 2.45 2.55
CA PHE A 209 -9.43 3.69 2.09
C PHE A 209 -10.25 3.48 0.85
N HIS A 210 -11.48 3.98 0.86
CA HIS A 210 -12.39 3.97 -0.29
C HIS A 210 -13.59 4.80 0.17
N PRO A 211 -14.52 5.07 -0.72
CA PRO A 211 -15.63 5.99 -0.33
C PRO A 211 -16.39 5.59 0.91
N PHE A 212 -16.54 4.28 1.17
CA PHE A 212 -17.29 3.84 2.36
C PHE A 212 -16.50 3.94 3.67
N LEU A 213 -15.20 4.22 3.57
CA LEU A 213 -14.30 4.34 4.71
C LEU A 213 -13.25 5.36 4.32
N GLN A 214 -13.66 6.62 4.27
CA GLN A 214 -12.73 7.71 3.96
C GLN A 214 -11.75 8.04 5.08
N ASN A 215 -12.02 7.53 6.29
CA ASN A 215 -11.09 7.66 7.44
C ASN A 215 -11.11 6.37 8.22
N GLN A 216 -10.08 5.53 7.99
CA GLN A 216 -9.99 4.26 8.69
C GLN A 216 -10.04 4.44 10.21
N SER A 217 -9.45 5.53 10.70
CA SER A 217 -9.56 5.94 12.10
C SER A 217 -9.77 7.45 12.12
N LYS A 218 -10.08 7.98 13.31
CA LYS A 218 -10.40 9.39 13.46
C LYS A 218 -9.41 10.35 12.78
N ASN A 219 -9.92 11.12 11.82
CA ASN A 219 -9.17 12.19 11.14
C ASN A 219 -7.84 11.74 10.55
N ILE A 220 -7.75 10.47 10.12
CA ILE A 220 -6.41 9.96 9.84
C ILE A 220 -5.82 10.57 8.56
N VAL A 221 -6.67 10.80 7.58
CA VAL A 221 -6.17 11.32 6.31
C VAL A 221 -5.63 12.74 6.45
N ARG A 222 -6.44 13.64 6.97
CA ARG A 222 -5.98 15.02 7.19
C ARG A 222 -4.74 15.06 8.10
N PHE A 223 -4.73 14.27 9.18
CA PHE A 223 -3.57 14.20 10.07
C PHE A 223 -2.29 13.81 9.33
N CYS A 224 -2.35 12.73 8.55
CA CYS A 224 -1.16 12.31 7.83
C CYS A 224 -0.67 13.38 6.85
N GLN A 225 -1.60 13.97 6.10
CA GLN A 225 -1.24 14.98 5.11
C GLN A 225 -0.64 16.20 5.77
N GLU A 226 -1.14 16.55 6.94
CA GLU A 226 -0.56 17.67 7.70
C GLU A 226 0.86 17.41 8.21
N HIS A 227 1.16 16.16 8.52
CA HIS A 227 2.42 15.76 9.17
C HIS A 227 3.44 15.16 8.16
N GLY A 228 3.19 15.37 6.87
CA GLY A 228 4.12 14.93 5.82
C GLY A 228 4.21 13.42 5.65
N ILE A 229 3.08 12.76 5.87
CA ILE A 229 3.03 11.31 5.78
C ILE A 229 2.10 10.99 4.58
N LEU A 230 2.64 10.35 3.56
CA LEU A 230 1.85 9.93 2.43
C LEU A 230 0.88 8.83 2.88
N VAL A 231 -0.39 9.00 2.54
CA VAL A 231 -1.41 7.99 2.76
C VAL A 231 -1.49 7.14 1.50
N GLU A 232 -1.41 5.83 1.67
CA GLU A 232 -1.63 4.93 0.55
C GLU A 232 -2.91 4.20 0.85
N ALA A 233 -3.65 3.86 -0.20
CA ALA A 233 -4.92 3.12 -0.02
C ALA A 233 -4.71 1.66 -0.35
N PHE A 234 -4.93 0.81 0.64
CA PHE A 234 -5.17 -0.55 0.24
C PHE A 234 -6.69 -0.80 0.17
N SER A 235 -7.02 -1.81 -0.62
CA SER A 235 -8.37 -2.16 -0.98
C SER A 235 -9.20 -0.95 -1.49
N PRO A 236 -8.64 -0.14 -2.42
CA PRO A 236 -9.40 1.04 -2.88
C PRO A 236 -10.62 0.64 -3.70
N LEU A 237 -10.63 -0.58 -4.22
CA LEU A 237 -11.81 -1.03 -4.96
C LEU A 237 -12.79 -1.85 -4.15
N ALA A 238 -12.73 -1.74 -2.81
CA ALA A 238 -13.66 -2.49 -1.94
C ALA A 238 -15.12 -2.33 -2.37
N PRO A 239 -15.55 -1.12 -2.81
CA PRO A 239 -16.96 -0.99 -3.20
C PRO A 239 -17.38 -1.94 -4.32
N LEU A 240 -16.41 -2.33 -5.16
CA LEU A 240 -16.65 -3.17 -6.33
C LEU A 240 -16.57 -4.64 -5.96
N ALA A 241 -15.76 -4.93 -4.93
CA ALA A 241 -15.56 -6.30 -4.43
C ALA A 241 -16.74 -6.76 -3.59
N ARG A 242 -17.41 -5.81 -2.94
CA ARG A 242 -18.59 -6.08 -2.11
C ARG A 242 -19.70 -6.71 -2.92
N VAL A 243 -20.43 -7.63 -2.30
CA VAL A 243 -21.61 -8.19 -2.92
C VAL A 243 -22.75 -7.15 -3.00
N GLU A 244 -22.92 -6.39 -1.92
CA GLU A 244 -23.97 -5.40 -1.80
C GLU A 244 -23.63 -4.16 -2.58
N THR A 245 -24.64 -3.53 -3.19
CA THR A 245 -24.47 -2.24 -3.87
C THR A 245 -25.52 -1.26 -3.34
N ASN A 246 -25.20 0.03 -3.46
CA ASN A 246 -26.10 1.10 -3.08
C ASN A 246 -25.97 2.16 -4.18
N ALA A 247 -26.38 3.40 -3.88
CA ALA A 247 -26.31 4.49 -4.86
C ALA A 247 -24.91 4.69 -5.46
N LEU A 248 -23.87 4.24 -4.74
CA LEU A 248 -22.51 4.42 -5.25
C LEU A 248 -22.29 3.69 -6.61
N ALA A 249 -22.88 2.52 -6.79
CA ALA A 249 -22.75 1.75 -8.04
C ALA A 249 -23.20 2.57 -9.26
N GLU A 250 -24.36 3.22 -9.13
CA GLU A 250 -24.90 4.06 -10.21
C GLU A 250 -24.05 5.29 -10.45
N THR A 251 -23.55 5.90 -9.37
CA THR A 251 -22.67 7.07 -9.47
C THR A 251 -21.43 6.68 -10.27
N LEU A 252 -20.84 5.54 -9.91
CA LEU A 252 -19.61 5.10 -10.56
C LEU A 252 -19.83 4.70 -12.01
N LYS A 253 -20.94 4.02 -12.29
CA LYS A 253 -21.34 3.65 -13.66
C LYS A 253 -21.46 4.91 -14.53
N ARG A 254 -22.19 5.92 -14.04
CA ARG A 254 -22.36 7.18 -14.78
C ARG A 254 -21.05 7.87 -15.11
N LEU A 255 -20.15 7.93 -14.12
CA LEU A 255 -18.87 8.61 -14.28
C LEU A 255 -17.97 7.83 -15.22
N ALA A 256 -18.03 6.50 -15.12
CA ALA A 256 -17.26 5.62 -16.01
C ALA A 256 -17.71 5.90 -17.46
N GLU A 257 -19.01 5.87 -17.67
CA GLU A 257 -19.57 6.11 -19.00
C GLU A 257 -19.29 7.55 -19.51
N LYS A 258 -19.31 8.54 -18.62
CA LYS A 258 -18.97 9.91 -18.98
C LYS A 258 -17.53 10.01 -19.50
N TYR A 259 -16.59 9.42 -18.76
CA TYR A 259 -15.19 9.61 -19.05
C TYR A 259 -14.60 8.53 -19.95
N LYS A 260 -15.45 7.57 -20.33
CA LYS A 260 -15.03 6.41 -21.12
C LYS A 260 -13.96 5.61 -20.35
N LYS A 261 -14.26 5.39 -19.07
CA LYS A 261 -13.41 4.61 -18.17
C LYS A 261 -14.25 3.49 -17.53
N THR A 262 -13.61 2.70 -16.67
CA THR A 262 -14.32 1.67 -15.90
C THR A 262 -14.62 2.23 -14.51
N GLU A 263 -15.52 1.58 -13.77
CA GLU A 263 -15.80 2.00 -12.38
C GLU A 263 -14.52 1.94 -11.53
N ALA A 264 -13.69 0.92 -11.77
CA ALA A 264 -12.39 0.81 -11.07
C ALA A 264 -11.51 2.01 -11.34
N GLN A 265 -11.44 2.46 -12.60
CA GLN A 265 -10.64 3.62 -12.94
C GLN A 265 -11.15 4.87 -12.26
N VAL A 266 -12.48 5.02 -12.23
CA VAL A 266 -13.07 6.14 -11.53
C VAL A 266 -12.64 6.13 -10.05
N LEU A 267 -12.71 4.97 -9.39
CA LEU A 267 -12.34 4.90 -7.96
C LEU A 267 -10.85 5.20 -7.73
N LEU A 268 -9.99 4.67 -8.62
CA LEU A 268 -8.56 4.94 -8.50
C LEU A 268 -8.24 6.42 -8.71
N ARG A 269 -8.93 7.06 -9.67
CA ARG A 269 -8.80 8.49 -9.90
C ARG A 269 -9.30 9.31 -8.71
N TYR A 270 -10.49 8.97 -8.21
CA TYR A 270 -11.01 9.58 -6.97
C TYR A 270 -9.96 9.54 -5.85
N THR A 271 -9.34 8.38 -5.68
CA THR A 271 -8.36 8.20 -4.63
C THR A 271 -7.15 9.12 -4.81
N LEU A 272 -6.58 9.15 -6.01
CA LEU A 272 -5.50 10.11 -6.33
C LEU A 272 -5.90 11.55 -6.06
N GLN A 273 -7.14 11.91 -6.37
CA GLN A 273 -7.58 13.31 -6.21
C GLN A 273 -7.68 13.71 -4.74
N ARG A 274 -7.85 12.72 -3.87
CA ARG A 274 -7.88 12.94 -2.41
C ARG A 274 -6.47 13.08 -1.85
N GLY A 275 -5.48 12.90 -2.72
CA GLY A 275 -4.06 12.96 -2.40
C GLY A 275 -3.49 11.65 -1.85
N ILE A 276 -4.12 10.54 -2.25
CA ILE A 276 -3.81 9.21 -1.69
C ILE A 276 -3.33 8.30 -2.83
N LEU A 277 -2.21 7.60 -2.58
CA LEU A 277 -1.64 6.71 -3.62
C LEU A 277 -2.32 5.34 -3.50
N PRO A 278 -3.07 4.92 -4.55
CA PRO A 278 -3.74 3.60 -4.47
C PRO A 278 -2.81 2.43 -4.70
N VAL A 279 -3.08 1.33 -3.99
CA VAL A 279 -2.44 0.04 -4.29
C VAL A 279 -3.52 -0.83 -4.91
N THR A 280 -3.36 -1.16 -6.18
CA THR A 280 -4.38 -1.97 -6.83
C THR A 280 -3.88 -3.37 -7.17
N THR A 281 -4.77 -4.35 -7.15
CA THR A 281 -4.37 -5.75 -7.29
C THR A 281 -4.97 -6.41 -8.53
N SER A 282 -4.72 -5.84 -9.70
CA SER A 282 -5.35 -6.31 -10.93
C SER A 282 -4.64 -7.54 -11.49
N SER A 283 -5.37 -8.38 -12.22
CA SER A 283 -4.86 -9.68 -12.68
C SER A 283 -5.00 -9.93 -14.20
N LYS A 284 -5.83 -9.16 -14.87
CA LYS A 284 -6.01 -9.34 -16.31
C LYS A 284 -5.20 -8.24 -17.01
N GLU A 285 -4.66 -8.53 -18.20
CA GLU A 285 -3.97 -7.48 -18.93
C GLU A 285 -4.80 -6.20 -19.10
N SER A 286 -6.08 -6.33 -19.47
CA SER A 286 -6.94 -5.16 -19.66
C SER A 286 -7.06 -4.34 -18.39
N ARG A 287 -7.19 -5.02 -17.25
CA ARG A 287 -7.33 -4.35 -15.95
C ARG A 287 -6.04 -3.64 -15.53
N LEU A 288 -4.89 -4.28 -15.78
CA LEU A 288 -3.57 -3.65 -15.54
C LEU A 288 -3.43 -2.34 -16.32
N LYS A 289 -3.75 -2.40 -17.64
CA LYS A 289 -3.62 -1.24 -18.49
C LYS A 289 -4.51 -0.13 -18.00
N GLU A 290 -5.74 -0.50 -17.62
CA GLU A 290 -6.72 0.48 -17.16
C GLU A 290 -6.24 1.15 -15.87
N SER A 291 -5.60 0.36 -14.99
CA SER A 291 -5.09 0.89 -13.70
C SER A 291 -4.02 1.96 -13.87
N LEU A 292 -3.31 1.93 -15.00
CA LEU A 292 -2.27 2.89 -15.31
C LEU A 292 -2.82 4.13 -16.01
N ASN A 293 -3.90 3.96 -16.74
CA ASN A 293 -4.41 5.03 -17.61
C ASN A 293 -5.41 5.88 -16.85
N LEU A 294 -4.89 6.66 -15.92
CA LEU A 294 -5.69 7.48 -15.02
C LEU A 294 -5.38 8.98 -15.15
N PHE A 295 -4.50 9.33 -16.08
CA PHE A 295 -3.95 10.68 -16.09
C PHE A 295 -4.39 11.51 -17.29
N ASP A 296 -5.45 11.06 -17.95
CA ASP A 296 -6.02 11.75 -19.12
C ASP A 296 -7.44 12.24 -18.84
N PHE A 297 -7.84 12.23 -17.57
CA PHE A 297 -9.16 12.71 -17.16
C PHE A 297 -9.13 13.16 -15.71
N GLU A 298 -10.19 13.86 -15.29
CA GLU A 298 -10.29 14.25 -13.90
C GLU A 298 -11.74 14.31 -13.52
N LEU A 299 -12.01 14.08 -12.25
CA LEU A 299 -13.34 14.20 -11.73
C LEU A 299 -13.51 15.64 -11.31
N THR A 300 -14.66 16.25 -11.61
CA THR A 300 -14.93 17.62 -11.16
C THR A 300 -15.11 17.61 -9.64
N ASP A 301 -15.00 18.79 -9.02
CA ASP A 301 -15.29 18.94 -7.58
C ASP A 301 -16.68 18.39 -7.20
N GLU A 302 -17.67 18.62 -8.06
CA GLU A 302 -19.02 18.13 -7.85
C GLU A 302 -19.08 16.60 -7.75
N GLU A 303 -18.40 15.93 -8.68
CA GLU A 303 -18.37 14.47 -8.75
C GLU A 303 -17.62 13.83 -7.57
N VAL A 304 -16.47 14.41 -7.21
CA VAL A 304 -15.71 14.00 -6.02
C VAL A 304 -16.58 14.11 -4.77
N ASN A 305 -17.24 15.26 -4.61
CA ASN A 305 -18.20 15.43 -3.51
C ASN A 305 -19.42 14.49 -3.52
N GLU A 306 -19.92 14.16 -4.72
CA GLU A 306 -20.95 13.17 -4.90
C GLU A 306 -20.46 11.83 -4.34
N ILE A 307 -19.26 11.43 -4.74
CA ILE A 307 -18.70 10.17 -4.25
C ILE A 307 -18.52 10.27 -2.72
N ASN A 308 -17.86 11.35 -2.26
CA ASN A 308 -17.69 11.60 -0.80
C ASN A 308 -19.01 11.40 -0.02
N LYS A 309 -20.08 12.03 -0.50
CA LYS A 309 -21.36 12.05 0.21
C LYS A 309 -22.06 10.70 0.32
N ILE A 310 -22.20 10.02 -0.81
CA ILE A 310 -22.82 8.70 -0.87
C ILE A 310 -21.93 7.72 -0.09
N GLY A 311 -20.62 7.88 -0.22
CA GLY A 311 -19.70 7.07 0.56
C GLY A 311 -19.88 7.21 2.06
N ASP A 312 -19.80 8.43 2.58
CA ASP A 312 -19.94 8.63 4.04
C ASP A 312 -21.32 8.19 4.53
N ALA A 313 -22.33 8.27 3.66
CA ALA A 313 -23.69 7.92 4.04
C ALA A 313 -23.92 6.40 4.15
N ASN A 314 -22.95 5.61 3.68
CA ASN A 314 -23.04 4.17 3.61
C ASN A 314 -21.77 3.51 4.15
N PRO A 315 -21.47 3.72 5.44
CA PRO A 315 -20.17 3.25 5.93
C PRO A 315 -19.99 1.76 5.83
N TYR A 316 -18.78 1.37 5.49
CA TYR A 316 -18.46 -0.03 5.35
C TYR A 316 -16.98 -0.19 5.53
N ARG A 317 -16.61 -1.15 6.36
CA ARG A 317 -15.22 -1.46 6.65
C ARG A 317 -14.95 -2.92 6.34
N ALA A 318 -13.81 -3.24 5.70
CA ALA A 318 -13.48 -4.64 5.41
C ALA A 318 -12.38 -5.28 6.27
N PHE A 319 -11.65 -4.46 7.04
CA PHE A 319 -10.51 -4.94 7.80
C PHE A 319 -10.44 -4.37 9.22
N PHE A 320 -9.94 -5.19 10.15
CA PHE A 320 -9.58 -4.73 11.51
C PHE A 320 -10.73 -4.05 12.27
N HIS A 321 -11.92 -4.64 12.21
CA HIS A 321 -13.09 -4.02 12.84
C HIS A 321 -12.92 -3.84 14.33
N GLU A 322 -12.45 -4.88 15.00
CA GLU A 322 -12.36 -4.89 16.47
C GLU A 322 -11.23 -3.96 16.91
N GLN A 323 -10.18 -3.91 16.11
CA GLN A 323 -9.05 -3.03 16.42
C GLN A 323 -9.38 -1.54 16.25
N PHE A 324 -10.25 -1.20 15.31
CA PHE A 324 -10.59 0.20 15.08
C PHE A 324 -11.88 0.67 15.75
N LYS A 325 -12.57 -0.24 16.44
CA LYS A 325 -13.90 0.05 16.96
C LYS A 325 -13.93 1.37 17.74
N ASP A 326 -12.89 1.60 18.53
CA ASP A 326 -12.82 2.82 19.36
C ASP A 326 -11.87 3.90 18.84
N LEU A 327 -11.33 3.73 17.63
CA LEU A 327 -10.26 4.61 17.11
C LEU A 327 -10.69 5.60 16.03
#